data_5FUP
#
_entry.id   5FUP
#
_cell.length_a   142.340
_cell.length_b   142.340
_cell.length_c   152.260
_cell.angle_alpha   90.00
_cell.angle_beta   90.00
_cell.angle_gamma   120.00
#
_symmetry.space_group_name_H-M   'P 65 2 2'
#
loop_
_entity.id
_entity.type
_entity.pdbx_description
1 polymer 'LYSINE-SPECIFIC DEMETHYLASE 5B'
2 non-polymer 'ZINC ION'
3 non-polymer 'MANGANESE (II) ION'
4 non-polymer '4-(2-HYDROXYETHYL)-1-PIPERAZINE ETHANESULFONIC ACID'
5 non-polymer 'CHLORIDE ION'
6 non-polymer '2-OXOGLUTARIC ACID'
7 non-polymer 1,2-ETHANEDIOL
8 water water
#
_entity_poly.entity_id   1
_entity_poly.type   'polypeptide(L)'
_entity_poly.pdbx_seq_one_letter_code
;SMFLPPPECPVFEPSWEEFADPFAFIHKIRPIAEQTGICKVRPPPDWQPPFACDVDKLHFTPRIQRLNELEAQTRVKLGG
GGARDYTLRTFGEMADAFKSDYFNMPVHMVPTELVEKEFWRLVSTIEEDVTVEYGADIASKEFGSGFPVRDGKIKLSPEE
EEYLDSGWNLNNMPVMEQSVLAHITADICGMKLPWLYVGMCFSSFCWHIEDHWSYSINYLHWGEPKTWYGVPGYAAEQLE
NVMKKLAPELFVSQPDLLHQLVTIMNPNTLMTHEVPVYRTNQCAGEFVITFPRAYHSGFNQGFNFAEAVNFCTVDWLPLG
RQCVEHYRLLHRYCVFSHDEMICKMASKADVLDVVVASTVQKDMAIMIEDEKALRETVRKLGVIDSERMDFELLPDDERQ
CVKCKTTCFMSAISCSCKPGLLVCLHHVKELCSCPPYKYKLRYRYTLDDLYPMMNALKLRAESYNEWALNVNEALEAKI
;
_entity_poly.pdbx_strand_id   A
#
# COMPACT_ATOMS: atom_id res chain seq x y z
N SER A 1 33.64 -8.60 -0.80
CA SER A 1 33.14 -7.87 0.35
C SER A 1 32.46 -6.56 -0.06
N MET A 2 32.54 -5.56 0.82
CA MET A 2 31.81 -4.30 0.67
C MET A 2 30.31 -4.61 0.50
N PHE A 3 29.83 -4.76 -0.73
CA PHE A 3 28.40 -5.11 -0.94
C PHE A 3 28.25 -6.42 -1.71
N LEU A 4 27.51 -7.36 -1.13
CA LEU A 4 27.19 -8.60 -1.81
C LEU A 4 25.73 -8.55 -2.22
N PRO A 5 25.46 -8.43 -3.52
CA PRO A 5 24.07 -8.25 -3.97
C PRO A 5 23.20 -9.44 -3.57
N PRO A 6 21.98 -9.17 -3.07
CA PRO A 6 21.02 -10.24 -2.82
C PRO A 6 20.74 -11.03 -4.11
N PRO A 7 20.28 -12.27 -3.97
CA PRO A 7 19.86 -13.05 -5.13
C PRO A 7 18.70 -12.38 -5.86
N GLU A 8 18.58 -12.64 -7.15
CA GLU A 8 17.55 -12.03 -7.98
C GLU A 8 16.15 -12.54 -7.64
N CYS A 9 15.15 -11.64 -7.64
CA CYS A 9 13.76 -12.08 -7.44
C CYS A 9 13.29 -12.76 -8.74
N PRO A 10 12.14 -13.48 -8.71
CA PRO A 10 11.59 -14.10 -9.93
C PRO A 10 11.22 -13.09 -10.99
N VAL A 11 11.40 -13.47 -12.26
CA VAL A 11 11.02 -12.65 -13.41
C VAL A 11 10.05 -13.44 -14.27
N PHE A 12 8.90 -12.85 -14.58
CA PHE A 12 7.90 -13.55 -15.37
C PHE A 12 7.74 -12.88 -16.73
N GLU A 13 7.64 -13.73 -17.75
CA GLU A 13 7.36 -13.28 -19.11
C GLU A 13 6.08 -13.96 -19.59
N PRO A 14 4.92 -13.40 -19.25
CA PRO A 14 3.64 -14.03 -19.60
C PRO A 14 3.35 -13.94 -21.08
N SER A 15 2.74 -15.00 -21.63
CA SER A 15 2.23 -14.97 -22.99
C SER A 15 1.08 -13.98 -23.07
N TRP A 16 0.65 -13.64 -24.28
CA TRP A 16 -0.50 -12.76 -24.43
C TRP A 16 -1.73 -13.35 -23.75
N GLU A 17 -1.84 -14.67 -23.79
CA GLU A 17 -2.97 -15.36 -23.17
C GLU A 17 -2.96 -15.14 -21.66
N GLU A 18 -1.84 -15.49 -21.01
CA GLU A 18 -1.64 -15.25 -19.57
C GLU A 18 -1.83 -13.79 -19.19
N PHE A 19 -1.29 -12.90 -20.03
CA PHE A 19 -1.28 -11.46 -19.76
C PHE A 19 -2.68 -10.86 -19.81
N ALA A 20 -3.59 -11.53 -20.51
CA ALA A 20 -4.93 -11.01 -20.75
C ALA A 20 -5.66 -10.57 -19.48
N ASP A 21 -5.57 -11.38 -18.43
CA ASP A 21 -6.19 -11.01 -17.16
C ASP A 21 -5.15 -10.92 -16.05
N PRO A 22 -4.86 -9.69 -15.61
CA PRO A 22 -3.82 -9.47 -14.60
C PRO A 22 -4.10 -10.20 -13.28
N PHE A 23 -5.36 -10.25 -12.84
CA PHE A 23 -5.66 -10.87 -11.55
C PHE A 23 -5.52 -12.37 -11.61
N ALA A 24 -5.92 -12.98 -12.72
CA ALA A 24 -5.68 -14.40 -12.94
C ALA A 24 -4.19 -14.69 -12.93
N PHE A 25 -3.42 -13.83 -13.61
CA PHE A 25 -1.97 -14.01 -13.68
C PHE A 25 -1.33 -13.89 -12.29
N ILE A 26 -1.69 -12.85 -11.56
CA ILE A 26 -1.13 -12.61 -10.22
C ILE A 26 -1.44 -13.77 -9.28
N HIS A 27 -2.66 -14.30 -9.37
CA HIS A 27 -3.03 -15.47 -8.58
C HIS A 27 -2.16 -16.67 -8.95
N LYS A 28 -1.87 -16.82 -10.24
CA LYS A 28 -1.06 -17.92 -10.74
C LYS A 28 0.38 -17.90 -10.24
N ILE A 29 1.03 -16.74 -10.30
CA ILE A 29 2.43 -16.64 -9.86
C ILE A 29 2.58 -16.59 -8.34
N ARG A 30 1.48 -16.35 -7.64
CA ARG A 30 1.52 -16.13 -6.19
C ARG A 30 2.30 -17.18 -5.38
N PRO A 31 2.13 -18.48 -5.68
CA PRO A 31 2.91 -19.45 -4.89
C PRO A 31 4.42 -19.22 -4.95
N ILE A 32 4.92 -18.77 -6.09
CA ILE A 32 6.34 -18.46 -6.26
C ILE A 32 6.67 -17.12 -5.66
N ALA A 33 5.96 -16.10 -6.13
CA ALA A 33 6.27 -14.71 -5.81
C ALA A 33 6.11 -14.37 -4.33
N GLU A 34 5.20 -15.03 -3.64
CA GLU A 34 4.98 -14.69 -2.24
C GLU A 34 6.11 -15.22 -1.37
N GLN A 35 6.96 -16.07 -1.93
CA GLN A 35 8.14 -16.55 -1.22
C GLN A 35 9.30 -15.56 -1.32
N THR A 36 9.17 -14.55 -2.19
CA THR A 36 10.26 -13.61 -2.42
C THR A 36 9.81 -12.18 -2.16
N GLY A 37 8.51 -12.01 -1.96
CA GLY A 37 7.96 -10.72 -1.60
C GLY A 37 7.74 -9.81 -2.79
N ILE A 38 8.74 -9.69 -3.66
CA ILE A 38 8.57 -8.93 -4.90
C ILE A 38 8.82 -9.84 -6.10
N CYS A 39 8.29 -9.43 -7.26
CA CYS A 39 8.66 -10.10 -8.51
C CYS A 39 8.57 -9.09 -9.63
N LYS A 40 9.15 -9.42 -10.77
CA LYS A 40 9.16 -8.54 -11.92
C LYS A 40 8.33 -9.17 -13.03
N VAL A 41 7.53 -8.36 -13.72
CA VAL A 41 6.75 -8.88 -14.82
C VAL A 41 7.09 -8.13 -16.10
N ARG A 42 7.53 -8.88 -17.11
CA ARG A 42 7.78 -8.31 -18.43
C ARG A 42 6.58 -8.56 -19.34
N PRO A 43 5.92 -7.50 -19.77
CA PRO A 43 4.77 -7.70 -20.65
C PRO A 43 5.21 -8.29 -22.00
N PRO A 44 4.28 -8.89 -22.76
CA PRO A 44 4.57 -9.30 -24.13
C PRO A 44 5.18 -8.17 -24.94
N PRO A 45 6.13 -8.49 -25.83
CA PRO A 45 6.99 -7.52 -26.53
C PRO A 45 6.23 -6.37 -27.21
N ASP A 46 5.01 -6.65 -27.69
CA ASP A 46 4.22 -5.64 -28.39
C ASP A 46 3.24 -4.87 -27.49
N TRP A 47 3.11 -5.26 -26.23
CA TRP A 47 2.33 -4.43 -25.30
C TRP A 47 3.17 -3.21 -24.99
N GLN A 48 2.83 -2.09 -25.62
CA GLN A 48 3.64 -0.89 -25.49
C GLN A 48 2.76 0.34 -25.41
N PRO A 49 2.23 0.59 -24.20
CA PRO A 49 1.34 1.74 -23.95
C PRO A 49 2.07 3.02 -24.29
N PRO A 50 1.46 3.89 -25.09
CA PRO A 50 2.18 5.09 -25.51
C PRO A 50 2.29 6.08 -24.37
N PHE A 51 3.47 6.63 -24.15
CA PHE A 51 3.65 7.72 -23.21
C PHE A 51 3.81 9.02 -23.97
N ALA A 52 3.07 10.04 -23.57
CA ALA A 52 3.22 11.35 -24.18
C ALA A 52 2.84 12.42 -23.17
N CYS A 53 3.69 13.44 -23.08
CA CYS A 53 3.46 14.57 -22.19
C CYS A 53 4.41 15.71 -22.54
N ASP A 54 4.03 16.92 -22.16
CA ASP A 54 4.88 18.08 -22.34
C ASP A 54 5.76 18.25 -21.11
N VAL A 55 7.07 18.19 -21.31
CA VAL A 55 8.02 18.31 -20.21
C VAL A 55 8.10 19.73 -19.63
N ASP A 56 7.47 20.69 -20.31
CA ASP A 56 7.53 22.09 -19.87
C ASP A 56 6.28 22.50 -19.10
N LYS A 57 5.21 21.73 -19.25
CA LYS A 57 3.93 22.11 -18.68
C LYS A 57 3.61 21.29 -17.43
N LEU A 58 4.41 20.27 -17.17
CA LEU A 58 4.26 19.50 -15.95
C LEU A 58 5.21 20.03 -14.87
N HIS A 59 4.64 20.61 -13.81
CA HIS A 59 5.40 21.16 -12.69
CA HIS A 59 5.47 21.10 -12.72
C HIS A 59 5.22 20.28 -11.44
N PHE A 60 6.21 20.29 -10.56
CA PHE A 60 6.06 19.63 -9.27
C PHE A 60 7.12 20.15 -8.31
N THR A 61 6.89 19.91 -7.02
CA THR A 61 7.83 20.33 -6.00
C THR A 61 8.41 19.07 -5.38
N PRO A 62 9.73 18.91 -5.48
CA PRO A 62 10.32 17.64 -5.06
C PRO A 62 10.69 17.64 -3.58
N ARG A 63 10.83 16.45 -3.01
CA ARG A 63 11.33 16.31 -1.66
C ARG A 63 12.85 16.21 -1.68
N ILE A 64 13.49 16.82 -0.69
CA ILE A 64 14.94 16.73 -0.53
C ILE A 64 15.27 15.53 0.33
N GLN A 65 16.25 14.75 -0.10
CA GLN A 65 16.61 13.54 0.60
C GLN A 65 18.05 13.55 1.01
N ARG A 66 18.30 13.37 2.31
CA ARG A 66 19.64 13.11 2.78
C ARG A 66 19.86 11.61 2.75
N LEU A 67 21.05 11.18 2.40
CA LEU A 67 21.27 9.75 2.22
C LEU A 67 22.10 9.13 3.34
N ASN A 68 21.45 8.83 4.45
CA ASN A 68 22.10 8.29 5.63
C ASN A 68 21.41 7.03 6.11
N GLU A 69 22.13 5.91 6.10
CA GLU A 69 21.57 4.66 6.56
C GLU A 69 21.10 4.80 8.01
N LEU A 70 19.97 4.16 8.33
CA LEU A 70 19.38 4.15 9.67
C LEU A 70 18.87 5.50 10.19
N GLU A 71 19.01 6.55 9.40
CA GLU A 71 18.45 7.85 9.81
C GLU A 71 16.95 7.89 9.52
N ALA A 72 16.19 8.44 10.45
CA ALA A 72 14.73 8.50 10.33
C ALA A 72 14.28 9.42 9.22
N GLN A 73 13.26 8.99 8.48
CA GLN A 73 12.60 9.83 7.50
C GLN A 73 11.10 9.66 7.63
N THR A 74 10.36 10.70 7.30
CA THR A 74 8.90 10.61 7.28
C THR A 74 8.48 10.05 5.93
N ARG A 75 7.46 9.20 5.96
CA ARG A 75 7.03 8.47 4.76
C ARG A 75 6.52 9.37 3.62
N VAL A 76 5.83 10.46 3.97
CA VAL A 76 5.33 11.39 2.94
C VAL A 76 5.88 12.81 3.10
N ARG A 84 11.48 24.33 -3.66
CA ARG A 84 11.76 24.70 -5.05
C ARG A 84 10.86 23.96 -6.03
N ASP A 85 10.53 24.61 -7.15
CA ASP A 85 9.64 24.04 -8.16
C ASP A 85 10.40 23.65 -9.42
N TYR A 86 10.11 22.47 -9.95
CA TYR A 86 10.74 21.99 -11.18
C TYR A 86 9.70 21.72 -12.24
N THR A 87 10.06 21.85 -13.51
CA THR A 87 9.31 21.17 -14.55
C THR A 87 10.01 19.84 -14.77
N LEU A 88 9.35 18.93 -15.46
CA LEU A 88 9.97 17.66 -15.81
C LEU A 88 11.29 17.92 -16.55
N ARG A 89 11.33 18.94 -17.41
CA ARG A 89 12.55 19.23 -18.15
C ARG A 89 13.67 19.72 -17.23
N THR A 90 13.38 20.68 -16.36
CA THR A 90 14.42 21.26 -15.51
C THR A 90 14.86 20.27 -14.43
N PHE A 91 13.99 19.35 -14.03
CA PHE A 91 14.39 18.29 -13.11
C PHE A 91 15.32 17.32 -13.83
N GLY A 92 14.96 16.99 -15.07
CA GLY A 92 15.77 16.08 -15.87
C GLY A 92 17.15 16.63 -16.12
N GLU A 93 17.24 17.93 -16.39
CA GLU A 93 18.53 18.59 -16.59
C GLU A 93 19.37 18.54 -15.30
N MET A 94 18.71 18.76 -14.16
CA MET A 94 19.41 18.72 -12.88
C MET A 94 19.88 17.29 -12.61
N ALA A 95 18.98 16.34 -12.81
CA ALA A 95 19.28 14.93 -12.56
C ALA A 95 20.47 14.43 -13.38
N ASP A 96 20.43 14.66 -14.69
CA ASP A 96 21.47 14.17 -15.60
C ASP A 96 22.84 14.77 -15.24
N ALA A 97 22.87 16.08 -15.02
CA ALA A 97 24.10 16.76 -14.64
C ALA A 97 24.63 16.22 -13.30
N PHE A 98 23.74 15.96 -12.34
CA PHE A 98 24.17 15.39 -11.07
C PHE A 98 24.90 14.07 -11.25
N LYS A 99 24.29 13.13 -11.97
CA LYS A 99 24.88 11.79 -12.13
C LYS A 99 26.16 11.89 -12.93
N SER A 100 26.13 12.75 -13.94
CA SER A 100 27.26 12.93 -14.84
C SER A 100 28.47 13.50 -14.10
N ASP A 101 28.24 14.51 -13.26
CA ASP A 101 29.30 15.10 -12.47
C ASP A 101 29.79 14.20 -11.35
N TYR A 102 28.90 13.32 -10.88
CA TYR A 102 29.24 12.43 -9.78
C TYR A 102 30.26 11.40 -10.18
N PHE A 103 30.06 10.80 -11.35
CA PHE A 103 30.94 9.74 -11.80
C PHE A 103 31.96 10.23 -12.83
N ASN A 104 31.86 11.50 -13.20
CA ASN A 104 32.64 12.06 -14.31
C ASN A 104 32.57 11.17 -15.54
N MET A 105 31.35 10.76 -15.88
CA MET A 105 31.10 9.95 -17.06
C MET A 105 29.79 10.33 -17.71
N PRO A 106 29.58 9.95 -18.99
CA PRO A 106 28.23 10.00 -19.56
C PRO A 106 27.30 9.03 -18.83
N VAL A 107 26.04 9.38 -18.61
CA VAL A 107 25.17 8.62 -17.68
C VAL A 107 24.94 7.13 -18.04
N HIS A 108 24.99 6.81 -19.32
CA HIS A 108 24.74 5.44 -19.75
C HIS A 108 25.94 4.56 -19.74
N MET A 109 27.08 5.14 -19.46
CA MET A 109 28.26 4.36 -19.38
C MET A 109 28.39 3.84 -17.97
N VAL A 110 27.66 4.46 -17.03
CA VAL A 110 27.74 4.05 -15.63
C VAL A 110 27.00 2.73 -15.36
N PRO A 111 27.76 1.67 -15.10
CA PRO A 111 27.21 0.33 -14.85
C PRO A 111 26.26 0.33 -13.65
N THR A 112 25.16 -0.42 -13.74
CA THR A 112 24.18 -0.48 -12.67
C THR A 112 24.76 -1.04 -11.38
N GLU A 113 25.67 -2.00 -11.52
CA GLU A 113 26.31 -2.63 -10.37
C GLU A 113 27.21 -1.64 -9.63
N LEU A 114 27.73 -0.66 -10.36
CA LEU A 114 28.55 0.38 -9.74
C LEU A 114 27.70 1.40 -8.99
N VAL A 115 26.59 1.83 -9.59
CA VAL A 115 25.69 2.73 -8.87
C VAL A 115 25.18 2.11 -7.56
N GLU A 116 24.86 0.83 -7.61
CA GLU A 116 24.37 0.07 -6.46
C GLU A 116 25.42 0.02 -5.36
N LYS A 117 26.61 -0.44 -5.72
CA LYS A 117 27.76 -0.50 -4.81
C LYS A 117 28.02 0.87 -4.20
N GLU A 118 28.04 1.89 -5.04
CA GLU A 118 28.26 3.24 -4.56
C GLU A 118 27.12 3.78 -3.70
N PHE A 119 25.88 3.39 -3.99
CA PHE A 119 24.77 3.83 -3.14
C PHE A 119 24.99 3.38 -1.72
N TRP A 120 25.33 2.10 -1.56
CA TRP A 120 25.45 1.55 -0.22
C TRP A 120 26.72 2.03 0.49
N ARG A 121 27.74 2.39 -0.28
CA ARG A 121 28.91 3.02 0.31
C ARG A 121 28.50 4.39 0.86
N LEU A 122 27.84 5.19 0.04
CA LEU A 122 27.63 6.58 0.44
C LEU A 122 26.63 6.72 1.61
N VAL A 123 25.63 5.85 1.73
CA VAL A 123 24.68 6.01 2.83
C VAL A 123 25.27 5.55 4.18
N SER A 124 26.33 4.75 4.14
CA SER A 124 26.93 4.24 5.35
C SER A 124 28.15 5.05 5.78
N THR A 125 28.51 6.03 4.96
CA THR A 125 29.69 6.86 5.23
C THR A 125 29.29 8.20 5.83
N ILE A 126 29.64 8.40 7.11
CA ILE A 126 29.29 9.62 7.83
C ILE A 126 29.81 10.89 7.15
N GLU A 127 31.00 10.80 6.58
CA GLU A 127 31.70 11.96 6.03
C GLU A 127 31.04 12.47 4.75
N GLU A 128 30.45 11.56 3.98
CA GLU A 128 29.69 11.96 2.80
C GLU A 128 28.35 12.56 3.22
N ASP A 129 28.03 13.73 2.69
CA ASP A 129 26.70 14.30 2.90
C ASP A 129 26.03 14.66 1.56
N VAL A 130 25.78 13.62 0.77
CA VAL A 130 25.09 13.76 -0.50
C VAL A 130 23.60 13.96 -0.27
N THR A 131 23.04 15.01 -0.85
CA THR A 131 21.59 15.16 -0.86
C THR A 131 21.04 15.12 -2.29
N VAL A 132 19.89 14.48 -2.48
CA VAL A 132 19.24 14.37 -3.78
C VAL A 132 17.78 14.79 -3.66
N GLU A 133 17.07 14.81 -4.79
CA GLU A 133 15.65 15.19 -4.82
C GLU A 133 14.83 14.17 -5.59
N TYR A 134 13.55 14.08 -5.25
CA TYR A 134 12.68 12.99 -5.70
C TYR A 134 11.26 13.55 -5.81
N GLY A 135 10.62 13.37 -6.96
CA GLY A 135 9.20 13.70 -7.06
C GLY A 135 8.28 12.54 -6.69
N ALA A 136 7.35 12.75 -5.75
CA ALA A 136 6.30 11.75 -5.46
C ALA A 136 4.92 12.38 -5.19
N ASP A 137 3.94 12.13 -6.05
CA ASP A 137 2.67 12.83 -6.01
C ASP A 137 1.48 12.10 -6.65
N ILE A 138 0.28 12.40 -6.18
CA ILE A 138 -0.93 11.81 -6.74
C ILE A 138 -1.22 12.34 -8.13
N ALA A 139 -1.79 11.45 -8.94
CA ALA A 139 -2.35 11.81 -10.21
C ALA A 139 -3.44 12.88 -10.00
N SER A 140 -3.09 14.13 -10.31
CA SER A 140 -4.04 15.25 -10.22
C SER A 140 -4.11 15.95 -11.56
N LYS A 141 -4.93 17.00 -11.65
CA LYS A 141 -5.06 17.76 -12.90
C LYS A 141 -3.73 18.41 -13.30
N GLU A 142 -2.95 18.81 -12.30
CA GLU A 142 -1.65 19.43 -12.53
C GLU A 142 -0.61 18.40 -13.00
N PHE A 143 -0.80 17.16 -12.59
CA PHE A 143 0.11 16.07 -12.95
C PHE A 143 -0.65 14.75 -13.05
N GLY A 144 -0.89 14.28 -14.27
CA GLY A 144 -1.75 13.13 -14.48
C GLY A 144 -1.04 11.81 -14.75
N SER A 145 -1.84 10.76 -14.96
CA SER A 145 -1.33 9.43 -15.20
C SER A 145 -0.44 9.36 -16.46
N GLY A 146 0.54 8.45 -16.44
CA GLY A 146 1.36 8.21 -17.61
C GLY A 146 0.67 7.26 -18.57
N PHE A 147 -0.36 6.57 -18.09
CA PHE A 147 -1.20 5.76 -18.95
C PHE A 147 -2.31 6.61 -19.57
N PRO A 148 -2.83 6.18 -20.75
CA PRO A 148 -3.98 6.86 -21.37
C PRO A 148 -5.23 6.83 -20.50
N VAL A 149 -5.89 7.98 -20.37
CA VAL A 149 -7.17 8.07 -19.67
C VAL A 149 -8.23 8.68 -20.59
N ARG A 150 -9.49 8.32 -20.40
CA ARG A 150 -10.58 8.85 -21.22
C ARG A 150 -10.83 10.33 -20.98
N ASP A 151 -10.96 11.10 -22.07
CA ASP A 151 -11.39 12.50 -22.03
C ASP A 151 -11.78 13.00 -23.42
N ILE A 154 -10.19 15.93 -24.72
CA ILE A 154 -9.02 15.43 -25.45
C ILE A 154 -9.38 14.20 -26.30
N LYS A 155 -9.15 14.31 -27.61
CA LYS A 155 -9.39 13.20 -28.53
C LYS A 155 -8.16 12.27 -28.57
N LEU A 156 -8.40 10.99 -28.33
CA LEU A 156 -7.33 9.99 -28.22
C LEU A 156 -7.06 9.25 -29.54
N SER A 157 -5.80 8.94 -29.79
CA SER A 157 -5.40 8.15 -30.96
C SER A 157 -5.82 6.69 -30.77
N PRO A 158 -6.02 5.95 -31.89
CA PRO A 158 -6.36 4.52 -31.82
C PRO A 158 -5.40 3.72 -30.93
N GLU A 159 -4.10 3.99 -31.02
CA GLU A 159 -3.11 3.31 -30.20
CA GLU A 159 -3.12 3.29 -30.20
C GLU A 159 -3.46 3.46 -28.72
N GLU A 160 -3.66 4.71 -28.29
CA GLU A 160 -4.05 5.00 -26.90
C GLU A 160 -5.34 4.28 -26.51
N GLU A 161 -6.23 4.07 -27.48
CA GLU A 161 -7.54 3.47 -27.20
C GLU A 161 -7.40 1.98 -26.93
N GLU A 162 -6.45 1.35 -27.61
CA GLU A 162 -6.10 -0.04 -27.34
C GLU A 162 -5.72 -0.31 -25.87
N TYR A 163 -5.20 0.72 -25.21
CA TYR A 163 -4.65 0.58 -23.86
C TYR A 163 -5.53 1.22 -22.79
N LEU A 164 -6.68 1.77 -23.22
CA LEU A 164 -7.57 2.50 -22.32
C LEU A 164 -8.17 1.59 -21.28
N ASP A 165 -8.43 0.35 -21.67
CA ASP A 165 -9.21 -0.55 -20.85
C ASP A 165 -8.39 -1.74 -20.41
N SER A 166 -7.09 -1.69 -20.70
CA SER A 166 -6.18 -2.70 -20.21
C SER A 166 -6.27 -2.85 -18.69
N GLY A 167 -6.27 -4.07 -18.21
CA GLY A 167 -6.18 -4.32 -16.78
C GLY A 167 -4.85 -3.82 -16.22
N TRP A 168 -3.80 -3.83 -17.04
CA TRP A 168 -2.46 -3.41 -16.63
C TRP A 168 -2.28 -1.90 -16.74
N ASN A 169 -3.25 -1.22 -17.32
CA ASN A 169 -3.32 0.23 -17.20
C ASN A 169 -3.65 0.51 -15.75
N LEU A 170 -2.75 1.17 -15.02
CA LEU A 170 -2.85 1.19 -13.55
C LEU A 170 -3.98 2.09 -13.05
N ASN A 171 -4.61 2.88 -13.92
CA ASN A 171 -5.84 3.56 -13.53
C ASN A 171 -7.03 2.61 -13.41
N ASN A 172 -7.02 1.56 -14.21
CA ASN A 172 -8.12 0.60 -14.23
C ASN A 172 -8.07 -0.40 -13.11
N MET A 173 -6.87 -0.93 -12.87
CA MET A 173 -6.74 -2.07 -12.00
C MET A 173 -7.40 -1.91 -10.60
N PRO A 174 -7.45 -0.68 -10.05
CA PRO A 174 -8.22 -0.54 -8.81
C PRO A 174 -9.72 -0.84 -8.93
N VAL A 175 -10.32 -0.63 -10.09
CA VAL A 175 -11.79 -0.70 -10.24
C VAL A 175 -12.24 -1.90 -11.08
N MET A 176 -11.43 -2.95 -11.08
CA MET A 176 -11.64 -4.10 -11.95
C MET A 176 -12.60 -5.19 -11.44
N GLU A 177 -13.44 -4.85 -10.47
CA GLU A 177 -14.40 -5.80 -9.92
C GLU A 177 -13.74 -7.09 -9.43
N GLN A 178 -12.41 -7.05 -9.27
CA GLN A 178 -11.70 -8.11 -8.58
C GLN A 178 -10.71 -7.44 -7.64
N SER A 179 -10.69 -6.11 -7.66
CA SER A 179 -10.05 -5.35 -6.59
C SER A 179 -11.08 -4.90 -5.57
N VAL A 180 -11.06 -5.54 -4.40
CA VAL A 180 -12.07 -5.29 -3.38
C VAL A 180 -12.05 -3.83 -2.94
N LEU A 181 -10.96 -3.12 -3.21
CA LEU A 181 -10.90 -1.69 -2.92
C LEU A 181 -11.83 -0.86 -3.81
N ALA A 182 -12.33 -1.48 -4.88
CA ALA A 182 -13.18 -0.76 -5.84
C ALA A 182 -14.46 -0.29 -5.21
N HIS A 183 -15.04 -1.17 -4.41
CA HIS A 183 -16.39 -0.94 -3.90
C HIS A 183 -16.39 0.01 -2.71
N ILE A 184 -15.23 0.26 -2.12
CA ILE A 184 -15.12 1.27 -1.08
C ILE A 184 -15.58 2.63 -1.62
N THR A 185 -16.56 3.22 -0.92
CA THR A 185 -17.12 4.53 -1.28
C THR A 185 -16.45 5.61 -0.43
N ALA A 186 -15.94 5.22 0.72
CA ALA A 186 -15.20 6.12 1.59
C ALA A 186 -13.99 6.72 0.87
N ASP A 187 -13.50 7.84 1.41
CA ASP A 187 -12.34 8.52 0.85
C ASP A 187 -11.06 7.77 1.20
N ILE A 188 -10.45 7.15 0.20
CA ILE A 188 -9.16 6.49 0.37
C ILE A 188 -8.23 6.86 -0.80
N CYS A 189 -8.31 8.12 -1.22
CA CYS A 189 -7.58 8.66 -2.38
C CYS A 189 -6.10 8.29 -2.46
N GLY A 190 -5.40 8.35 -1.34
CA GLY A 190 -3.98 7.97 -1.32
C GLY A 190 -3.76 6.49 -1.61
N MET A 191 -4.85 5.75 -1.80
CA MET A 191 -4.77 4.31 -1.87
C MET A 191 -5.54 3.75 -3.07
N LYS A 192 -6.23 4.61 -3.80
CA LYS A 192 -7.04 4.16 -4.91
C LYS A 192 -6.53 4.76 -6.23
N LEU A 193 -5.97 5.96 -6.14
CA LEU A 193 -5.43 6.63 -7.31
C LEU A 193 -3.95 6.32 -7.43
N PRO A 194 -3.44 6.22 -8.67
CA PRO A 194 -2.02 5.98 -8.87
C PRO A 194 -1.16 7.12 -8.36
N TRP A 195 0.05 6.78 -7.94
CA TRP A 195 1.06 7.79 -7.61
C TRP A 195 2.13 7.83 -8.68
N LEU A 196 2.67 9.02 -8.92
CA LEU A 196 3.73 9.23 -9.87
C LEU A 196 5.06 9.49 -9.16
N TYR A 197 6.13 8.87 -9.64
CA TYR A 197 7.48 9.06 -9.07
C TYR A 197 8.51 9.51 -10.12
N VAL A 198 9.02 10.71 -9.97
CA VAL A 198 10.06 11.22 -10.85
C VAL A 198 11.42 11.04 -10.17
N GLY A 199 12.21 10.09 -10.62
CA GLY A 199 13.47 9.78 -9.94
C GLY A 199 14.73 10.44 -10.49
N MET A 200 15.78 10.49 -9.68
CA MET A 200 17.13 10.80 -10.14
C MET A 200 18.12 9.81 -9.51
N CYS A 201 19.40 9.87 -9.91
CA CYS A 201 20.40 8.93 -9.38
C CYS A 201 20.42 9.00 -7.84
N PHE A 202 20.32 7.82 -7.20
CA PHE A 202 20.35 7.65 -5.72
C PHE A 202 19.07 8.08 -4.95
N SER A 203 18.08 8.66 -5.64
CA SER A 203 16.82 8.97 -4.92
C SER A 203 16.24 7.64 -4.50
N SER A 204 15.69 7.56 -3.29
CA SER A 204 15.41 6.24 -2.75
C SER A 204 14.07 6.13 -2.04
N PHE A 205 13.59 4.91 -1.90
CA PHE A 205 12.42 4.71 -1.07
C PHE A 205 12.79 3.80 0.09
N CYS A 206 12.42 4.22 1.29
CA CYS A 206 12.79 3.49 2.52
C CYS A 206 12.02 2.21 2.66
N TRP A 207 12.54 1.31 3.49
CA TRP A 207 11.87 0.04 3.79
C TRP A 207 10.44 0.26 4.31
N HIS A 208 9.47 -0.40 3.69
CA HIS A 208 8.08 -0.26 4.14
C HIS A 208 7.24 -1.38 3.61
N ILE A 209 6.04 -1.50 4.14
CA ILE A 209 5.00 -2.35 3.60
C ILE A 209 3.83 -1.43 3.30
N GLU A 210 2.86 -1.91 2.53
CA GLU A 210 1.76 -1.06 2.09
C GLU A 210 0.69 -0.95 3.17
N ASP A 211 -0.07 0.13 3.13
CA ASP A 211 -1.19 0.28 4.06
C ASP A 211 -2.16 -0.89 3.93
N HIS A 212 -2.60 -1.39 5.10
CA HIS A 212 -3.51 -2.54 5.19
C HIS A 212 -2.93 -3.80 4.57
N TRP A 213 -1.61 -3.83 4.49
CA TRP A 213 -0.88 -4.94 3.87
C TRP A 213 -1.38 -5.26 2.47
N SER A 214 -1.73 -4.23 1.72
CA SER A 214 -2.17 -4.46 0.35
C SER A 214 -0.99 -4.83 -0.57
N TYR A 215 -1.33 -5.27 -1.78
CA TYR A 215 -0.38 -5.39 -2.89
C TYR A 215 -0.02 -4.00 -3.36
N SER A 216 1.12 -3.87 -4.03
CA SER A 216 1.32 -2.73 -4.91
C SER A 216 1.83 -3.24 -6.27
N ILE A 217 1.69 -2.41 -7.29
CA ILE A 217 2.21 -2.73 -8.61
C ILE A 217 2.73 -1.42 -9.17
N ASN A 218 3.91 -1.50 -9.77
CA ASN A 218 4.70 -0.33 -10.13
C ASN A 218 5.19 -0.50 -11.58
N TYR A 219 4.95 0.52 -12.38
CA TYR A 219 5.35 0.47 -13.79
C TYR A 219 6.33 1.58 -14.04
N LEU A 220 7.47 1.23 -14.61
CA LEU A 220 8.44 2.23 -15.00
C LEU A 220 8.15 2.64 -16.44
N HIS A 221 7.64 3.86 -16.63
CA HIS A 221 7.26 4.30 -17.96
C HIS A 221 8.49 4.47 -18.84
N TRP A 222 9.51 5.11 -18.29
CA TRP A 222 10.75 5.35 -19.03
C TRP A 222 11.89 5.82 -18.13
N GLY A 223 13.09 5.76 -18.68
CA GLY A 223 14.29 6.30 -18.03
C GLY A 223 15.19 5.19 -17.56
N GLU A 224 16.13 5.54 -16.69
CA GLU A 224 17.09 4.56 -16.17
C GLU A 224 16.44 3.68 -15.09
N PRO A 225 17.01 2.49 -14.83
CA PRO A 225 16.30 1.52 -14.00
C PRO A 225 16.02 1.96 -12.56
N LYS A 226 15.09 1.26 -11.93
CA LYS A 226 14.78 1.37 -10.51
C LYS A 226 15.28 0.09 -9.86
N THR A 227 16.16 0.20 -8.88
CA THR A 227 16.65 -0.99 -8.18
C THR A 227 15.81 -1.27 -6.92
N TRP A 228 15.41 -2.53 -6.74
CA TRP A 228 14.52 -2.95 -5.65
C TRP A 228 15.18 -3.98 -4.76
N TYR A 229 14.85 -3.94 -3.47
CA TYR A 229 15.09 -5.04 -2.56
C TYR A 229 13.75 -5.42 -1.92
N GLY A 230 13.52 -6.72 -1.74
CA GLY A 230 12.24 -7.19 -1.25
C GLY A 230 12.40 -8.35 -0.30
N VAL A 231 11.48 -8.44 0.65
CA VAL A 231 11.46 -9.49 1.68
C VAL A 231 10.09 -10.13 1.69
N PRO A 232 10.01 -11.48 1.74
CA PRO A 232 8.69 -12.10 1.69
C PRO A 232 7.85 -11.79 2.93
N GLY A 233 6.54 -11.82 2.75
CA GLY A 233 5.61 -11.51 3.84
C GLY A 233 5.82 -12.32 5.12
N TYR A 234 6.22 -13.57 4.98
CA TYR A 234 6.39 -14.41 6.15
C TYR A 234 7.54 -13.95 7.03
N ALA A 235 8.43 -13.13 6.49
CA ALA A 235 9.59 -12.70 7.25
C ALA A 235 9.45 -11.26 7.74
N ALA A 236 8.25 -10.70 7.65
CA ALA A 236 8.08 -9.30 8.04
C ALA A 236 8.50 -9.00 9.50
N GLU A 237 8.12 -9.87 10.43
CA GLU A 237 8.45 -9.62 11.84
C GLU A 237 9.93 -9.84 12.16
N GLN A 238 10.57 -10.76 11.45
CA GLN A 238 12.03 -10.87 11.55
C GLN A 238 12.72 -9.57 11.20
N LEU A 239 12.31 -8.99 10.07
CA LEU A 239 12.91 -7.74 9.62
C LEU A 239 12.70 -6.65 10.63
N GLU A 240 11.48 -6.59 11.18
CA GLU A 240 11.13 -5.53 12.11
C GLU A 240 11.96 -5.67 13.39
N ASN A 241 12.17 -6.90 13.82
CA ASN A 241 12.99 -7.16 14.99
C ASN A 241 14.44 -6.76 14.78
N VAL A 242 14.98 -7.06 13.60
CA VAL A 242 16.33 -6.62 13.27
C VAL A 242 16.39 -5.10 13.30
N MET A 243 15.37 -4.46 12.74
CA MET A 243 15.42 -3.01 12.62
C MET A 243 15.20 -2.31 13.96
N LYS A 244 14.34 -2.89 14.79
CA LYS A 244 14.05 -2.38 16.13
C LYS A 244 15.32 -2.33 16.97
N LYS A 245 16.16 -3.35 16.84
CA LYS A 245 17.42 -3.42 17.55
C LYS A 245 18.37 -2.31 17.09
N LEU A 246 18.48 -2.09 15.79
CA LEU A 246 19.44 -1.13 15.25
C LEU A 246 18.93 0.31 15.23
N ALA A 247 17.63 0.50 15.29
CA ALA A 247 17.05 1.85 15.18
C ALA A 247 15.72 1.96 15.92
N PRO A 248 15.76 1.86 17.25
CA PRO A 248 14.53 1.83 18.08
C PRO A 248 13.68 3.09 17.94
N GLU A 249 14.30 4.21 17.59
CA GLU A 249 13.60 5.48 17.42
C GLU A 249 12.45 5.38 16.42
N LEU A 250 12.59 4.51 15.42
CA LEU A 250 11.58 4.39 14.37
C LEU A 250 10.33 3.68 14.87
N PHE A 251 10.44 3.05 16.04
CA PHE A 251 9.34 2.22 16.52
C PHE A 251 8.54 2.85 17.65
N VAL A 252 8.75 4.14 17.89
CA VAL A 252 7.93 4.88 18.85
C VAL A 252 6.56 5.19 18.25
N SER A 253 5.55 5.32 19.09
CA SER A 253 4.18 5.55 18.62
C SER A 253 4.06 6.90 17.91
N GLN A 254 3.24 6.95 16.87
CA GLN A 254 3.10 8.17 16.08
C GLN A 254 1.73 8.81 16.22
N PRO A 255 1.69 10.15 16.28
CA PRO A 255 0.46 10.92 16.54
C PRO A 255 -0.59 10.79 15.44
N ASP A 256 -0.18 10.41 14.22
CA ASP A 256 -1.11 10.11 13.14
C ASP A 256 -0.44 9.39 11.97
N LEU A 257 -1.22 9.15 10.92
CA LEU A 257 -0.75 8.47 9.72
C LEU A 257 0.36 9.24 9.01
N LEU A 258 0.35 10.56 9.17
CA LEU A 258 1.29 11.41 8.47
C LEU A 258 2.64 11.53 9.18
N HIS A 259 2.89 10.61 10.12
CA HIS A 259 4.11 10.70 10.91
C HIS A 259 4.87 9.37 10.96
N GLN A 260 4.50 8.44 10.08
CA GLN A 260 5.19 7.17 9.96
C GLN A 260 6.70 7.35 9.75
N LEU A 261 7.50 6.66 10.54
CA LEU A 261 8.95 6.80 10.42
C LEU A 261 9.55 5.60 9.68
N VAL A 262 10.42 5.86 8.72
CA VAL A 262 11.01 4.81 7.91
C VAL A 262 12.48 5.11 7.67
N THR A 263 13.24 4.14 7.18
CA THR A 263 14.66 4.35 7.00
C THR A 263 15.32 3.50 5.89
N ILE A 264 16.48 3.96 5.43
CA ILE A 264 17.37 3.20 4.55
C ILE A 264 18.15 2.19 5.39
N MET A 265 18.23 0.95 4.92
CA MET A 265 19.02 -0.06 5.62
C MET A 265 19.60 -1.10 4.66
N ASN A 266 20.91 -1.32 4.76
CA ASN A 266 21.62 -2.26 3.90
C ASN A 266 21.03 -3.66 3.95
N PRO A 267 20.62 -4.21 2.80
CA PRO A 267 20.13 -5.58 2.72
C PRO A 267 21.11 -6.61 3.29
N ASN A 268 22.41 -6.36 3.18
CA ASN A 268 23.40 -7.29 3.73
C ASN A 268 23.26 -7.39 5.26
N THR A 269 22.86 -6.30 5.90
CA THR A 269 22.57 -6.33 7.34
C THR A 269 21.43 -7.29 7.64
N LEU A 270 20.35 -7.24 6.86
CA LEU A 270 19.26 -8.19 7.01
C LEU A 270 19.72 -9.63 6.74
N MET A 271 20.51 -9.80 5.69
CA MET A 271 20.98 -11.14 5.31
C MET A 271 21.89 -11.73 6.40
N THR A 272 22.65 -10.88 7.07
CA THR A 272 23.48 -11.30 8.18
C THR A 272 22.61 -11.84 9.33
N HIS A 273 21.43 -11.27 9.48
CA HIS A 273 20.51 -11.72 10.53
C HIS A 273 19.51 -12.75 10.01
N GLU A 274 19.85 -13.39 8.89
CA GLU A 274 19.08 -14.50 8.34
C GLU A 274 17.67 -14.12 7.86
N VAL A 275 17.48 -12.85 7.51
CA VAL A 275 16.28 -12.43 6.81
C VAL A 275 16.46 -12.58 5.30
N PRO A 276 15.59 -13.36 4.65
CA PRO A 276 15.70 -13.53 3.19
C PRO A 276 15.40 -12.23 2.44
N VAL A 277 16.30 -11.87 1.54
CA VAL A 277 16.18 -10.64 0.77
C VAL A 277 16.47 -10.93 -0.71
N TYR A 278 15.67 -10.36 -1.60
CA TYR A 278 15.86 -10.52 -3.05
C TYR A 278 16.01 -9.15 -3.69
N ARG A 279 16.57 -9.09 -4.91
CA ARG A 279 16.77 -7.81 -5.58
C ARG A 279 16.26 -7.87 -7.02
N THR A 280 16.11 -6.72 -7.65
CA THR A 280 15.95 -6.67 -9.09
C THR A 280 16.24 -5.26 -9.59
N ASN A 281 16.62 -5.17 -10.87
CA ASN A 281 16.64 -3.90 -11.57
C ASN A 281 15.40 -3.87 -12.45
N GLN A 282 14.51 -2.95 -12.15
CA GLN A 282 13.32 -2.77 -12.97
C GLN A 282 13.68 -1.80 -14.07
N CYS A 283 13.55 -2.23 -15.31
CA CYS A 283 13.84 -1.35 -16.45
C CYS A 283 12.55 -0.82 -17.05
N ALA A 284 12.71 0.18 -17.93
CA ALA A 284 11.59 0.83 -18.58
C ALA A 284 10.70 -0.21 -19.27
N GLY A 285 9.39 -0.08 -19.09
CA GLY A 285 8.44 -1.04 -19.65
C GLY A 285 8.23 -2.29 -18.80
N GLU A 286 8.81 -2.33 -17.61
CA GLU A 286 8.61 -3.50 -16.75
C GLU A 286 7.78 -3.17 -15.49
N PHE A 287 7.07 -4.18 -14.99
CA PHE A 287 6.28 -4.08 -13.77
C PHE A 287 7.03 -4.76 -12.63
N VAL A 288 6.97 -4.14 -11.46
CA VAL A 288 7.24 -4.85 -10.21
C VAL A 288 5.95 -4.98 -9.39
N ILE A 289 5.73 -6.14 -8.80
CA ILE A 289 4.58 -6.38 -7.98
C ILE A 289 5.09 -6.70 -6.57
N THR A 290 4.56 -6.04 -5.55
CA THR A 290 4.88 -6.42 -4.16
C THR A 290 3.67 -7.11 -3.54
N PHE A 291 3.91 -8.14 -2.74
CA PHE A 291 2.84 -8.93 -2.18
C PHE A 291 2.51 -8.48 -0.75
N PRO A 292 1.34 -8.87 -0.21
CA PRO A 292 0.92 -8.43 1.13
C PRO A 292 1.98 -8.62 2.23
N ARG A 293 2.28 -7.53 2.92
CA ARG A 293 3.25 -7.52 4.02
C ARG A 293 4.71 -7.82 3.59
N ALA A 294 4.99 -7.69 2.29
CA ALA A 294 6.37 -7.80 1.78
C ALA A 294 7.11 -6.48 1.88
N TYR A 295 8.05 -6.42 2.82
CA TYR A 295 8.88 -5.22 2.95
C TYR A 295 9.69 -4.98 1.66
N HIS A 296 9.84 -3.72 1.28
CA HIS A 296 10.65 -3.42 0.11
C HIS A 296 11.23 -2.03 0.23
N SER A 297 12.36 -1.83 -0.43
CA SER A 297 13.03 -0.53 -0.49
C SER A 297 13.79 -0.48 -1.80
N GLY A 298 14.39 0.66 -2.10
CA GLY A 298 15.25 0.71 -3.28
C GLY A 298 15.72 2.09 -3.60
N PHE A 299 16.24 2.25 -4.82
CA PHE A 299 16.75 3.55 -5.22
C PHE A 299 16.70 3.61 -6.75
N ASN A 300 16.66 4.82 -7.29
CA ASN A 300 16.71 5.00 -8.73
C ASN A 300 18.14 5.11 -9.24
N GLN A 301 18.39 4.53 -10.41
CA GLN A 301 19.69 4.57 -11.07
C GLN A 301 19.97 5.88 -11.78
N GLY A 302 18.92 6.62 -12.11
CA GLY A 302 19.07 7.87 -12.81
C GLY A 302 17.69 8.47 -13.05
N PHE A 303 17.62 9.46 -13.93
CA PHE A 303 16.37 10.14 -14.27
C PHE A 303 15.36 9.12 -14.79
N ASN A 304 14.18 9.06 -14.17
CA ASN A 304 13.17 8.12 -14.62
C ASN A 304 11.76 8.51 -14.15
N PHE A 305 10.78 7.70 -14.53
CA PHE A 305 9.38 8.08 -14.35
C PHE A 305 8.57 6.83 -14.15
N ALA A 306 8.05 6.68 -12.94
CA ALA A 306 7.33 5.48 -12.55
C ALA A 306 5.94 5.83 -12.05
N GLU A 307 5.09 4.82 -12.00
CA GLU A 307 3.69 5.00 -11.64
C GLU A 307 3.28 3.74 -10.94
N ALA A 308 2.65 3.89 -9.78
CA ALA A 308 2.33 2.76 -8.92
C ALA A 308 0.95 2.90 -8.28
N VAL A 309 0.33 1.77 -7.93
CA VAL A 309 -0.96 1.83 -7.27
C VAL A 309 -1.10 0.65 -6.35
N ASN A 310 -1.86 0.82 -5.26
CA ASN A 310 -2.20 -0.30 -4.38
C ASN A 310 -3.41 -1.08 -4.89
N PHE A 311 -3.50 -2.37 -4.56
CA PHE A 311 -4.71 -3.11 -4.86
C PHE A 311 -4.88 -4.29 -3.93
N CYS A 312 -6.10 -4.79 -3.87
CA CYS A 312 -6.45 -5.89 -2.99
C CYS A 312 -7.28 -6.93 -3.73
N THR A 313 -6.79 -8.17 -3.71
CA THR A 313 -7.44 -9.31 -4.34
C THR A 313 -8.23 -10.10 -3.29
N VAL A 314 -8.96 -11.12 -3.72
CA VAL A 314 -9.65 -12.01 -2.78
C VAL A 314 -8.70 -12.77 -1.87
N ASP A 315 -7.50 -13.05 -2.37
CA ASP A 315 -6.49 -13.73 -1.59
C ASP A 315 -6.10 -12.90 -0.37
N TRP A 316 -6.27 -11.58 -0.49
CA TRP A 316 -5.81 -10.64 0.51
C TRP A 316 -6.78 -10.51 1.70
N LEU A 317 -8.08 -10.76 1.46
CA LEU A 317 -9.12 -10.43 2.45
C LEU A 317 -8.80 -10.90 3.88
N PRO A 318 -8.41 -12.18 4.06
CA PRO A 318 -8.09 -12.57 5.45
C PRO A 318 -6.89 -11.81 6.02
N LEU A 319 -5.93 -11.46 5.18
CA LEU A 319 -4.75 -10.73 5.64
C LEU A 319 -5.13 -9.32 6.01
N GLY A 320 -6.06 -8.74 5.26
CA GLY A 320 -6.58 -7.43 5.61
C GLY A 320 -7.17 -7.39 7.02
N ARG A 321 -7.89 -8.45 7.39
CA ARG A 321 -8.50 -8.53 8.72
C ARG A 321 -7.39 -8.67 9.75
N GLN A 322 -6.40 -9.50 9.45
N GLN A 322 -6.40 -9.51 9.45
CA GLN A 322 -5.28 -9.68 10.35
CA GLN A 322 -5.25 -9.69 10.33
C GLN A 322 -4.47 -8.39 10.51
C GLN A 322 -4.51 -8.38 10.52
N CYS A 323 -4.37 -7.61 9.44
CA CYS A 323 -3.65 -6.34 9.51
C CYS A 323 -4.29 -5.34 10.48
N VAL A 324 -5.61 -5.23 10.44
CA VAL A 324 -6.32 -4.27 11.30
C VAL A 324 -6.19 -4.66 12.79
N GLU A 325 -6.20 -5.95 13.04
CA GLU A 325 -5.94 -6.50 14.36
C GLU A 325 -4.53 -6.13 14.80
N HIS A 326 -3.57 -6.26 13.88
CA HIS A 326 -2.20 -5.88 14.15
C HIS A 326 -2.11 -4.39 14.43
N TYR A 327 -2.77 -3.57 13.61
CA TYR A 327 -2.82 -2.13 13.86
C TYR A 327 -3.36 -1.81 15.26
N ARG A 328 -4.33 -2.60 15.71
CA ARG A 328 -4.99 -2.33 16.97
C ARG A 328 -3.97 -2.51 18.09
N LEU A 329 -3.29 -3.66 18.07
CA LEU A 329 -2.24 -3.98 19.06
C LEU A 329 -1.15 -2.91 19.11
N LEU A 330 -0.90 -2.27 17.97
CA LEU A 330 0.12 -1.23 17.87
C LEU A 330 -0.41 0.17 18.07
N HIS A 331 -1.73 0.31 18.25
CA HIS A 331 -2.36 1.63 18.31
C HIS A 331 -2.10 2.47 17.07
N ARG A 332 -2.07 1.83 15.90
CA ARG A 332 -1.85 2.53 14.63
C ARG A 332 -3.18 2.91 13.95
N TYR A 333 -3.22 4.07 13.30
CA TYR A 333 -4.41 4.53 12.61
C TYR A 333 -4.69 3.71 11.36
N CYS A 334 -5.97 3.52 11.05
CA CYS A 334 -6.41 2.79 9.85
C CYS A 334 -6.64 3.77 8.72
N VAL A 335 -6.49 3.33 7.49
CA VAL A 335 -6.85 4.19 6.36
C VAL A 335 -8.36 4.08 6.10
N PHE A 336 -8.92 2.88 6.24
CA PHE A 336 -10.37 2.68 6.15
C PHE A 336 -10.80 1.59 7.14
N SER A 337 -12.10 1.47 7.38
CA SER A 337 -12.61 0.35 8.17
C SER A 337 -12.79 -0.87 7.28
N HIS A 338 -12.10 -1.95 7.62
CA HIS A 338 -12.24 -3.22 6.92
C HIS A 338 -13.66 -3.85 7.05
N ASP A 339 -14.23 -3.82 8.26
CA ASP A 339 -15.61 -4.33 8.44
C ASP A 339 -16.61 -3.53 7.61
N GLU A 340 -16.41 -2.22 7.52
CA GLU A 340 -17.27 -1.38 6.71
C GLU A 340 -17.20 -1.77 5.23
N MET A 341 -16.00 -2.09 4.78
N MET A 341 -16.01 -2.10 4.76
CA MET A 341 -15.79 -2.52 3.39
CA MET A 341 -15.87 -2.50 3.36
C MET A 341 -16.56 -3.83 3.13
C MET A 341 -16.56 -3.85 3.11
N ILE A 342 -16.44 -4.76 4.06
CA ILE A 342 -17.09 -6.08 3.97
C ILE A 342 -18.63 -5.94 3.88
N CYS A 343 -19.20 -5.14 4.79
CA CYS A 343 -20.66 -4.94 4.82
C CYS A 343 -21.14 -4.22 3.57
N LYS A 344 -20.32 -3.31 3.04
CA LYS A 344 -20.67 -2.59 1.82
C LYS A 344 -20.82 -3.60 0.69
N MET A 345 -19.85 -4.51 0.59
CA MET A 345 -19.94 -5.55 -0.43
C MET A 345 -21.13 -6.49 -0.22
N ALA A 346 -21.33 -6.94 1.02
CA ALA A 346 -22.52 -7.72 1.37
C ALA A 346 -23.79 -7.03 0.86
N SER A 347 -23.86 -5.72 1.05
CA SER A 347 -25.05 -4.96 0.64
C SER A 347 -25.19 -4.91 -0.88
N LYS A 348 -24.17 -5.35 -1.59
CA LYS A 348 -24.20 -5.36 -3.06
C LYS A 348 -23.99 -6.77 -3.60
N ALA A 349 -24.40 -7.77 -2.84
CA ALA A 349 -24.13 -9.17 -3.20
C ALA A 349 -24.62 -9.53 -4.61
N ASP A 350 -25.76 -8.98 -5.03
CA ASP A 350 -26.32 -9.36 -6.33
C ASP A 350 -25.44 -8.98 -7.53
N VAL A 351 -24.59 -7.97 -7.38
CA VAL A 351 -23.74 -7.55 -8.50
C VAL A 351 -22.27 -7.95 -8.35
N LEU A 352 -21.95 -8.66 -7.29
CA LEU A 352 -20.57 -9.09 -7.09
C LEU A 352 -20.21 -10.26 -7.98
N ASP A 353 -18.94 -10.30 -8.37
CA ASP A 353 -18.34 -11.49 -8.95
C ASP A 353 -18.57 -12.65 -8.00
N VAL A 354 -18.81 -13.84 -8.53
CA VAL A 354 -19.21 -14.95 -7.69
C VAL A 354 -18.07 -15.50 -6.83
N VAL A 355 -16.83 -15.35 -7.28
CA VAL A 355 -15.74 -15.82 -6.45
C VAL A 355 -15.46 -14.80 -5.34
N VAL A 356 -15.63 -13.53 -5.67
CA VAL A 356 -15.56 -12.48 -4.66
C VAL A 356 -16.62 -12.71 -3.57
N ALA A 357 -17.87 -12.91 -3.99
CA ALA A 357 -18.97 -13.11 -3.05
C ALA A 357 -18.67 -14.26 -2.12
N SER A 358 -18.14 -15.34 -2.67
CA SER A 358 -17.78 -16.51 -1.88
C SER A 358 -16.70 -16.20 -0.83
N THR A 359 -15.72 -15.40 -1.22
CA THR A 359 -14.61 -15.08 -0.33
C THR A 359 -15.04 -14.06 0.72
N VAL A 360 -15.83 -13.06 0.33
CA VAL A 360 -16.37 -12.09 1.28
C VAL A 360 -17.24 -12.79 2.33
N GLN A 361 -18.04 -13.75 1.88
CA GLN A 361 -18.92 -14.50 2.77
C GLN A 361 -18.13 -15.15 3.91
N LYS A 362 -16.98 -15.73 3.57
CA LYS A 362 -16.13 -16.36 4.58
C LYS A 362 -15.52 -15.35 5.57
N ASP A 363 -15.10 -14.20 5.10
CA ASP A 363 -14.55 -13.19 6.01
C ASP A 363 -15.68 -12.68 6.93
N MET A 364 -16.86 -12.49 6.34
CA MET A 364 -18.01 -11.98 7.08
C MET A 364 -18.41 -12.94 8.20
N ALA A 365 -18.28 -14.23 7.96
CA ALA A 365 -18.62 -15.23 8.95
C ALA A 365 -17.71 -15.12 10.16
N ILE A 366 -16.42 -14.82 9.93
CA ILE A 366 -15.48 -14.59 11.02
C ILE A 366 -15.82 -13.28 11.75
N MET A 367 -16.10 -12.24 10.99
CA MET A 367 -16.49 -10.94 11.56
C MET A 367 -17.68 -11.12 12.52
N ILE A 368 -18.69 -11.84 12.07
CA ILE A 368 -19.94 -11.95 12.83
C ILE A 368 -19.72 -12.74 14.11
N GLU A 369 -19.02 -13.87 14.00
CA GLU A 369 -18.67 -14.65 15.19
C GLU A 369 -17.80 -13.88 16.17
N ASP A 370 -16.83 -13.10 15.69
CA ASP A 370 -16.04 -12.27 16.60
C ASP A 370 -16.90 -11.19 17.26
N GLU A 371 -17.79 -10.57 16.49
CA GLU A 371 -18.61 -9.47 17.01
C GLU A 371 -19.56 -9.99 18.09
N LYS A 372 -20.12 -11.16 17.84
CA LYS A 372 -20.99 -11.83 18.81
C LYS A 372 -20.30 -12.03 20.16
N ALA A 373 -19.07 -12.55 20.12
CA ALA A 373 -18.28 -12.78 21.33
C ALA A 373 -17.96 -11.48 22.06
N LEU A 374 -17.60 -10.44 21.31
CA LEU A 374 -17.28 -9.14 21.91
C LEU A 374 -18.50 -8.51 22.59
N ARG A 375 -19.68 -8.63 21.96
CA ARG A 375 -20.89 -8.05 22.54
C ARG A 375 -21.30 -8.77 23.84
N GLU A 376 -21.16 -10.09 23.85
CA GLU A 376 -21.43 -10.88 25.06
C GLU A 376 -20.52 -10.45 26.20
N THR A 377 -19.24 -10.21 25.87
CA THR A 377 -18.27 -9.76 26.86
C THR A 377 -18.59 -8.39 27.43
N VAL A 378 -19.02 -7.44 26.60
CA VAL A 378 -19.29 -6.12 27.18
C VAL A 378 -20.64 -6.14 27.94
N ARG A 379 -21.58 -6.98 27.54
CA ARG A 379 -22.82 -7.14 28.30
C ARG A 379 -22.53 -7.64 29.73
N LYS A 380 -21.58 -8.56 29.84
CA LYS A 380 -21.21 -9.10 31.14
C LYS A 380 -20.43 -8.10 31.97
N LEU A 381 -19.93 -7.05 31.33
CA LEU A 381 -19.26 -5.97 32.06
C LEU A 381 -20.26 -4.96 32.60
N GLY A 382 -21.53 -5.14 32.24
CA GLY A 382 -22.57 -4.29 32.80
C GLY A 382 -23.03 -3.17 31.88
N VAL A 383 -22.63 -3.21 30.61
CA VAL A 383 -23.19 -2.29 29.60
C VAL A 383 -24.52 -2.86 29.15
N ILE A 384 -25.60 -2.11 29.35
CA ILE A 384 -26.93 -2.65 29.09
C ILE A 384 -27.66 -1.87 28.01
N ASP A 385 -27.59 -0.56 28.12
CA ASP A 385 -28.24 0.31 27.18
C ASP A 385 -27.55 0.22 25.81
N SER A 386 -28.33 0.33 24.74
CA SER A 386 -27.76 0.29 23.40
C SER A 386 -28.59 1.13 22.44
N GLU A 387 -27.97 1.54 21.34
CA GLU A 387 -28.65 2.30 20.31
C GLU A 387 -27.96 2.13 18.95
N ARG A 388 -28.73 1.92 17.90
CA ARG A 388 -28.17 1.76 16.56
C ARG A 388 -27.43 3.04 16.17
N MET A 389 -26.36 2.92 15.41
CA MET A 389 -25.63 4.10 14.98
C MET A 389 -24.99 3.90 13.61
N ASP A 390 -25.20 4.85 12.71
CA ASP A 390 -24.66 4.75 11.34
C ASP A 390 -23.22 5.25 11.28
N PHE A 391 -22.30 4.44 11.80
CA PHE A 391 -20.89 4.81 11.89
C PHE A 391 -20.32 5.39 10.59
N GLU A 392 -20.81 4.89 9.45
CA GLU A 392 -20.17 5.26 8.18
C GLU A 392 -20.40 6.73 7.84
N LEU A 393 -21.34 7.40 8.51
CA LEU A 393 -21.59 8.82 8.31
C LEU A 393 -20.63 9.73 9.09
N LEU A 394 -20.00 9.20 10.13
CA LEU A 394 -19.03 9.98 10.91
C LEU A 394 -17.70 10.08 10.18
N PRO A 395 -17.12 11.28 10.14
CA PRO A 395 -15.72 11.40 9.70
C PRO A 395 -14.85 10.46 10.52
N ASP A 396 -13.79 9.94 9.91
CA ASP A 396 -12.90 9.01 10.60
C ASP A 396 -12.44 9.49 11.96
N ASP A 397 -12.07 10.76 12.06
CA ASP A 397 -11.50 11.27 13.30
C ASP A 397 -12.56 11.42 14.38
N GLU A 398 -13.82 11.21 14.03
CA GLU A 398 -14.85 11.19 15.06
C GLU A 398 -15.27 9.76 15.43
N ARG A 399 -14.59 8.75 14.89
CA ARG A 399 -14.92 7.39 15.29
C ARG A 399 -13.71 6.48 15.46
N GLN A 400 -12.61 7.04 15.97
CA GLN A 400 -11.46 6.25 16.35
C GLN A 400 -11.50 5.91 17.84
N CYS A 401 -11.21 4.67 18.17
CA CYS A 401 -11.07 4.27 19.57
C CYS A 401 -10.07 5.17 20.29
N VAL A 402 -10.50 5.76 21.40
CA VAL A 402 -9.63 6.56 22.27
C VAL A 402 -8.31 5.87 22.57
N LYS A 403 -8.40 4.58 22.83
CA LYS A 403 -7.24 3.79 23.22
C LYS A 403 -6.37 3.33 22.03
N CYS A 404 -6.93 2.54 21.12
CA CYS A 404 -6.12 1.85 20.11
C CYS A 404 -6.19 2.48 18.73
N LYS A 405 -6.99 3.54 18.60
CA LYS A 405 -7.12 4.36 17.39
C LYS A 405 -7.81 3.64 16.20
N THR A 406 -8.32 2.43 16.40
CA THR A 406 -9.00 1.70 15.34
C THR A 406 -10.25 2.49 14.87
N THR A 407 -10.55 2.40 13.58
CA THR A 407 -11.72 3.04 13.03
C THR A 407 -12.92 2.15 13.33
N CYS A 408 -13.85 2.66 14.14
CA CYS A 408 -15.02 1.85 14.53
C CYS A 408 -16.06 1.76 13.40
N PHE A 409 -16.77 0.62 13.35
CA PHE A 409 -17.90 0.49 12.43
C PHE A 409 -18.97 -0.47 12.96
N MET A 410 -18.57 -1.69 13.30
N MET A 410 -18.57 -1.68 13.34
CA MET A 410 -19.50 -2.67 13.86
CA MET A 410 -19.55 -2.64 13.82
C MET A 410 -20.15 -2.12 15.12
C MET A 410 -20.14 -2.21 15.16
N SER A 411 -19.32 -1.68 16.05
CA SER A 411 -19.79 -1.21 17.37
C SER A 411 -18.76 -0.40 18.14
N ALA A 412 -19.24 0.33 19.13
CA ALA A 412 -18.40 1.11 20.02
C ALA A 412 -19.14 1.38 21.32
N ILE A 413 -18.42 1.86 22.32
CA ILE A 413 -19.01 2.26 23.59
C ILE A 413 -18.88 3.77 23.74
N SER A 414 -19.97 4.43 24.10
CA SER A 414 -19.94 5.85 24.45
C SER A 414 -20.44 6.07 25.88
N CYS A 415 -20.11 7.23 26.45
CA CYS A 415 -20.67 7.66 27.72
C CYS A 415 -21.01 9.14 27.61
N SER A 416 -22.21 9.52 28.04
CA SER A 416 -22.66 10.92 27.99
C SER A 416 -21.72 11.84 28.76
N CYS A 417 -21.01 11.27 29.71
CA CYS A 417 -19.88 11.90 30.40
C CYS A 417 -18.78 12.50 29.51
N LYS A 418 -18.48 11.84 28.39
CA LYS A 418 -17.46 12.34 27.46
C LYS A 418 -18.01 12.41 26.05
N PRO A 419 -18.78 13.46 25.74
CA PRO A 419 -19.51 13.57 24.47
C PRO A 419 -18.60 13.45 23.25
N GLY A 420 -18.93 12.54 22.36
CA GLY A 420 -18.19 12.41 21.12
C GLY A 420 -17.09 11.36 21.15
N LEU A 421 -16.64 10.97 22.34
CA LEU A 421 -15.57 9.98 22.44
C LEU A 421 -16.11 8.55 22.35
N LEU A 422 -15.30 7.65 21.80
CA LEU A 422 -15.68 6.27 21.62
C LEU A 422 -14.51 5.39 21.97
N VAL A 423 -14.80 4.19 22.45
CA VAL A 423 -13.82 3.11 22.48
C VAL A 423 -14.38 1.93 21.73
N CYS A 424 -13.51 1.12 21.14
CA CYS A 424 -13.95 -0.14 20.55
C CYS A 424 -14.28 -1.09 21.70
N LEU A 425 -14.80 -2.26 21.39
CA LEU A 425 -15.27 -3.16 22.44
C LEU A 425 -14.13 -3.88 23.15
N HIS A 426 -12.91 -3.72 22.63
CA HIS A 426 -11.73 -4.23 23.33
C HIS A 426 -11.32 -3.31 24.46
N HIS A 427 -11.74 -2.06 24.41
CA HIS A 427 -11.26 -1.07 25.37
C HIS A 427 -12.36 -0.36 26.16
N VAL A 428 -13.38 -1.14 26.52
CA VAL A 428 -14.47 -0.63 27.36
C VAL A 428 -13.98 0.02 28.65
N LYS A 429 -12.92 -0.51 29.26
CA LYS A 429 -12.36 0.06 30.49
C LYS A 429 -11.60 1.37 30.31
N GLU A 430 -11.45 1.83 29.07
CA GLU A 430 -10.56 2.98 28.82
C GLU A 430 -11.29 4.27 28.52
N LEU A 431 -12.61 4.23 28.54
CA LEU A 431 -13.38 5.40 28.17
C LEU A 431 -13.43 6.46 29.29
N CYS A 432 -13.82 6.05 30.49
CA CYS A 432 -13.93 6.99 31.61
C CYS A 432 -14.13 6.27 32.94
N SER A 433 -14.36 7.03 34.00
CA SER A 433 -14.42 6.45 35.33
C SER A 433 -15.85 6.16 35.77
N CYS A 434 -16.83 6.50 34.94
CA CYS A 434 -18.23 6.20 35.26
C CYS A 434 -18.46 4.71 35.28
N PRO A 435 -19.41 4.24 36.11
CA PRO A 435 -19.74 2.81 36.05
C PRO A 435 -20.35 2.45 34.70
N PRO A 436 -20.09 1.23 34.22
CA PRO A 436 -20.58 0.75 32.92
C PRO A 436 -22.07 0.93 32.68
N TYR A 437 -22.91 1.00 33.72
CA TYR A 437 -24.36 1.12 33.46
C TYR A 437 -24.71 2.47 32.86
N LYS A 438 -23.77 3.41 32.94
CA LYS A 438 -23.95 4.72 32.28
C LYS A 438 -23.60 4.68 30.79
N TYR A 439 -22.94 3.61 30.34
CA TYR A 439 -22.47 3.50 28.96
C TYR A 439 -23.58 3.09 27.99
N LYS A 440 -23.37 3.36 26.70
CA LYS A 440 -24.23 2.82 25.66
C LYS A 440 -23.42 2.03 24.66
N LEU A 441 -23.89 0.84 24.29
CA LEU A 441 -23.37 0.16 23.12
C LEU A 441 -23.96 0.76 21.85
N ARG A 442 -23.14 1.43 21.04
CA ARG A 442 -23.56 1.92 19.71
C ARG A 442 -23.25 0.84 18.70
N TYR A 443 -24.22 0.42 17.89
CA TYR A 443 -23.96 -0.69 16.98
C TYR A 443 -24.50 -0.37 15.60
N ARG A 444 -23.82 -0.88 14.58
CA ARG A 444 -24.31 -0.60 13.23
C ARG A 444 -25.46 -1.55 12.85
N TYR A 445 -25.31 -2.83 13.19
CA TYR A 445 -26.29 -3.86 12.84
C TYR A 445 -26.56 -4.73 14.04
N THR A 446 -27.79 -5.23 14.18
CA THR A 446 -28.04 -6.32 15.12
C THR A 446 -27.46 -7.59 14.49
N LEU A 447 -27.15 -8.60 15.31
CA LEU A 447 -26.75 -9.90 14.78
C LEU A 447 -27.81 -10.42 13.82
N ASP A 448 -29.07 -10.20 14.15
CA ASP A 448 -30.17 -10.59 13.26
C ASP A 448 -30.18 -9.85 11.92
N ASP A 449 -29.64 -8.63 11.87
CA ASP A 449 -29.49 -7.94 10.57
C ASP A 449 -28.38 -8.61 9.74
N LEU A 450 -27.37 -9.12 10.43
CA LEU A 450 -26.15 -9.56 9.76
C LEU A 450 -26.28 -10.90 9.04
N TYR A 451 -26.97 -11.86 9.65
CA TYR A 451 -27.07 -13.18 9.06
C TYR A 451 -27.78 -13.17 7.67
N PRO A 452 -28.85 -12.38 7.49
CA PRO A 452 -29.39 -12.30 6.12
C PRO A 452 -28.44 -11.67 5.10
N MET A 453 -27.56 -10.77 5.54
CA MET A 453 -26.61 -10.11 4.63
C MET A 453 -25.62 -11.15 4.15
N MET A 454 -25.17 -11.97 5.07
CA MET A 454 -24.25 -13.04 4.72
C MET A 454 -24.93 -14.08 3.82
N ASN A 455 -26.21 -14.31 4.05
N ASN A 455 -26.22 -14.30 4.02
CA ASN A 455 -27.02 -15.22 3.23
CA ASN A 455 -26.95 -15.26 3.22
C ASN A 455 -27.12 -14.77 1.79
C ASN A 455 -27.15 -14.79 1.78
N ALA A 456 -27.22 -13.47 1.57
CA ALA A 456 -27.31 -12.94 0.21
C ALA A 456 -26.04 -13.28 -0.55
N LEU A 457 -24.90 -13.23 0.16
CA LEU A 457 -23.60 -13.58 -0.41
C LEU A 457 -23.55 -15.06 -0.79
N LYS A 458 -24.06 -15.90 0.10
CA LYS A 458 -24.09 -17.33 -0.14
C LYS A 458 -24.93 -17.67 -1.37
N LEU A 459 -26.10 -17.06 -1.49
CA LEU A 459 -26.94 -17.26 -2.68
C LEU A 459 -26.25 -16.83 -3.96
N ARG A 460 -25.54 -15.69 -3.91
CA ARG A 460 -24.86 -15.19 -5.10
C ARG A 460 -23.73 -16.13 -5.48
N ALA A 461 -23.04 -16.64 -4.47
CA ALA A 461 -21.94 -17.57 -4.70
C ALA A 461 -22.48 -18.93 -5.12
N GLU A 462 -23.80 -19.09 -5.04
CA GLU A 462 -24.51 -20.32 -5.37
C GLU A 462 -24.01 -21.48 -4.53
N SER A 463 -23.95 -21.24 -3.22
CA SER A 463 -23.62 -22.25 -2.24
C SER A 463 -24.86 -22.69 -1.46
#